data_1FSZ
#
_entry.id   1FSZ
#
_cell.length_a   159.140
_cell.length_b   159.140
_cell.length_c   159.140
_cell.angle_alpha   90.00
_cell.angle_beta   90.00
_cell.angle_gamma   90.00
#
_symmetry.space_group_name_H-M   'I 21 3'
#
loop_
_entity.id
_entity.type
_entity.pdbx_description
1 polymer FTSZ
2 non-polymer "GUANOSINE-5'-DIPHOSPHATE"
3 water water
#
_entity_poly.entity_id   1
_entity_poly.type   'polypeptide(L)'
_entity_poly.pdbx_seq_one_letter_code
;MKFLKNVLEEGSKLEEFNELELSPEDKELLEYLQQTKAKITVVGCGGAGNNTITRLKMEGIEGAKTVAINTDAQQLIRTK
ADKKILIGKKLTRGLGAGGNPKIGEEAAKESAEEIKAAIQDSDMVFITCGLGGGTGTGSAPVVAEISKKIGALTVAVVTL
PFVMEGKVRMKNAMEGLERLKQHTDTLVVIPNEKLFEIVPNMPLKLAFKVADEVLINAVKGLVELITKDGLINVDFADVK
AVMNNGGLAMIGIGESDSEKRAKEAVSMALNSPLLDVDIDGATGALIHVMGPEDLTLEEAREVVATVSSRLDPNATIIWG
ATIDENLENTVRVLLVITGVQSRIEFTDTGLKRKKLELTGIPKIGSHHHHHH
;
_entity_poly.pdbx_strand_id   A
#
loop_
_chem_comp.id
_chem_comp.type
_chem_comp.name
_chem_comp.formula
GDP RNA linking GUANOSINE-5'-DIPHOSPHATE 'C10 H15 N5 O11 P2'
#
# COMPACT_ATOMS: atom_id res chain seq x y z
N SER A 23 40.48 -3.00 -8.32
CA SER A 23 40.00 -4.18 -7.53
C SER A 23 38.53 -4.43 -7.77
N PRO A 24 38.09 -5.69 -7.68
CA PRO A 24 36.69 -6.03 -7.88
C PRO A 24 35.79 -5.47 -6.77
N GLU A 25 36.42 -5.10 -5.64
CA GLU A 25 35.72 -4.54 -4.51
C GLU A 25 35.54 -3.03 -4.67
N ASP A 26 36.56 -2.39 -5.25
CA ASP A 26 36.59 -0.96 -5.53
C ASP A 26 35.64 -0.70 -6.70
N LYS A 27 35.82 -1.46 -7.78
CA LYS A 27 34.97 -1.34 -8.93
C LYS A 27 33.52 -1.40 -8.45
N GLU A 28 33.25 -2.41 -7.63
CA GLU A 28 31.91 -2.64 -7.07
C GLU A 28 31.42 -1.43 -6.28
N LEU A 29 32.32 -0.87 -5.48
CA LEU A 29 32.05 0.30 -4.64
C LEU A 29 31.66 1.46 -5.54
N LEU A 30 32.51 1.70 -6.56
CA LEU A 30 32.30 2.73 -7.57
C LEU A 30 30.89 2.60 -8.17
N GLU A 31 30.62 1.42 -8.71
CA GLU A 31 29.33 1.12 -9.28
C GLU A 31 28.23 1.50 -8.32
N TYR A 32 28.38 1.12 -7.08
CA TYR A 32 27.35 1.41 -6.11
C TYR A 32 26.93 2.85 -6.19
N LEU A 33 27.91 3.74 -6.21
CA LEU A 33 27.64 5.17 -6.23
C LEU A 33 26.84 5.60 -7.42
N GLN A 34 26.84 4.76 -8.46
CA GLN A 34 26.14 5.10 -9.67
C GLN A 34 24.68 4.69 -9.70
N GLN A 35 24.26 3.90 -8.73
CA GLN A 35 22.86 3.49 -8.71
C GLN A 35 22.06 4.77 -8.80
N THR A 36 21.01 4.75 -9.59
CA THR A 36 20.22 5.94 -9.75
C THR A 36 18.80 5.69 -9.29
N LYS A 37 18.43 4.43 -9.22
CA LYS A 37 17.08 4.02 -8.84
C LYS A 37 16.97 3.30 -7.47
N ALA A 38 15.94 3.65 -6.70
CA ALA A 38 15.71 3.04 -5.39
C ALA A 38 15.25 1.61 -5.62
N LYS A 39 15.68 0.69 -4.76
CA LYS A 39 15.28 -0.68 -4.93
C LYS A 39 14.02 -0.96 -4.12
N ILE A 40 12.89 -1.16 -4.82
CA ILE A 40 11.57 -1.42 -4.20
C ILE A 40 11.15 -2.90 -4.33
N THR A 41 10.79 -3.54 -3.22
CA THR A 41 10.31 -4.93 -3.26
C THR A 41 8.92 -4.91 -2.67
N VAL A 42 8.02 -5.64 -3.32
CA VAL A 42 6.63 -5.75 -2.87
C VAL A 42 6.34 -7.17 -2.40
N VAL A 43 5.95 -7.31 -1.13
CA VAL A 43 5.62 -8.60 -0.55
C VAL A 43 4.14 -8.71 -0.29
N GLY A 44 3.48 -9.68 -0.93
CA GLY A 44 2.03 -9.88 -0.72
C GLY A 44 1.85 -11.08 0.20
N CYS A 45 1.02 -10.98 1.23
CA CYS A 45 0.85 -12.11 2.16
C CYS A 45 -0.54 -12.74 2.18
N GLY A 46 -0.55 -14.08 2.16
CA GLY A 46 -1.81 -14.80 2.17
C GLY A 46 -2.47 -14.78 0.79
N GLY A 47 -3.66 -15.36 0.69
CA GLY A 47 -4.37 -15.41 -0.58
C GLY A 47 -4.61 -14.07 -1.27
N ALA A 48 -5.20 -13.12 -0.56
CA ALA A 48 -5.47 -11.82 -1.15
C ALA A 48 -4.17 -11.11 -1.54
N GLY A 49 -3.19 -11.14 -0.64
CA GLY A 49 -1.92 -10.51 -0.91
C GLY A 49 -1.25 -11.18 -2.08
N ASN A 50 -1.34 -12.51 -2.18
CA ASN A 50 -0.72 -13.22 -3.29
C ASN A 50 -1.48 -12.86 -4.53
N ASN A 51 -2.79 -12.76 -4.40
CA ASN A 51 -3.62 -12.41 -5.52
C ASN A 51 -3.19 -11.07 -6.08
N THR A 52 -2.88 -10.13 -5.19
CA THR A 52 -2.45 -8.80 -5.59
C THR A 52 -1.11 -8.88 -6.28
N ILE A 53 -0.18 -9.61 -5.69
CA ILE A 53 1.14 -9.75 -6.30
C ILE A 53 1.02 -10.34 -7.68
N THR A 54 0.11 -11.27 -7.86
CA THR A 54 -0.04 -11.86 -9.16
C THR A 54 -0.38 -10.82 -10.20
N ARG A 55 -1.22 -9.85 -9.84
CA ARG A 55 -1.56 -8.84 -10.83
C ARG A 55 -0.49 -7.84 -11.11
N LEU A 56 0.23 -7.39 -10.08
CA LEU A 56 1.28 -6.41 -10.31
C LEU A 56 2.31 -7.11 -11.18
N LYS A 57 2.56 -8.38 -10.93
CA LYS A 57 3.52 -9.12 -11.73
C LYS A 57 3.12 -9.22 -13.19
N MET A 58 1.83 -9.11 -13.49
CA MET A 58 1.37 -9.21 -14.87
C MET A 58 1.18 -7.85 -15.50
N GLU A 59 0.31 -7.03 -14.89
CA GLU A 59 0.07 -5.69 -15.38
C GLU A 59 1.39 -4.93 -15.31
N GLY A 60 2.35 -5.50 -14.60
CA GLY A 60 3.65 -4.88 -14.45
C GLY A 60 3.64 -3.80 -13.37
N ILE A 61 4.66 -3.81 -12.52
CA ILE A 61 4.77 -2.82 -11.45
C ILE A 61 6.12 -2.15 -11.74
N GLU A 62 6.07 -0.97 -12.35
CA GLU A 62 7.29 -0.27 -12.69
C GLU A 62 8.39 -0.35 -11.66
N GLY A 63 9.46 -1.04 -12.02
CA GLY A 63 10.61 -1.17 -11.15
C GLY A 63 10.37 -1.57 -9.70
N ALA A 64 10.04 -2.85 -9.51
CA ALA A 64 9.79 -3.40 -8.19
C ALA A 64 9.73 -4.92 -8.34
N LYS A 65 10.37 -5.62 -7.42
CA LYS A 65 10.35 -7.06 -7.46
C LYS A 65 9.21 -7.47 -6.54
N THR A 66 8.56 -8.58 -6.92
CA THR A 66 7.42 -9.12 -6.21
C THR A 66 7.80 -10.40 -5.49
N VAL A 67 7.41 -10.48 -4.23
CA VAL A 67 7.66 -11.62 -3.38
C VAL A 67 6.28 -12.04 -2.83
N ALA A 68 5.86 -13.28 -3.10
CA ALA A 68 4.59 -13.72 -2.56
C ALA A 68 4.90 -14.70 -1.47
N ILE A 69 4.23 -14.59 -0.32
CA ILE A 69 4.50 -15.54 0.73
C ILE A 69 3.15 -16.00 1.20
N ASN A 70 3.01 -17.31 1.38
CA ASN A 70 1.78 -17.93 1.81
C ASN A 70 2.07 -19.17 2.61
N THR A 71 1.12 -19.53 3.46
CA THR A 71 1.24 -20.68 4.33
C THR A 71 0.53 -21.87 3.67
N ASP A 72 -0.10 -21.58 2.53
CA ASP A 72 -0.88 -22.51 1.71
C ASP A 72 -0.18 -22.74 0.35
N ALA A 73 0.37 -23.93 0.14
CA ALA A 73 1.09 -24.23 -1.09
C ALA A 73 0.28 -24.11 -2.36
N GLN A 74 -1.00 -24.47 -2.30
CA GLN A 74 -1.82 -24.43 -3.50
C GLN A 74 -1.98 -23.06 -4.06
N GLN A 75 -2.20 -22.08 -3.19
CA GLN A 75 -2.39 -20.68 -3.59
C GLN A 75 -1.06 -20.14 -4.06
N LEU A 76 -0.02 -20.49 -3.33
CA LEU A 76 1.32 -20.03 -3.65
C LEU A 76 1.67 -20.50 -5.04
N ILE A 77 1.36 -21.74 -5.32
CA ILE A 77 1.67 -22.27 -6.64
C ILE A 77 0.91 -21.58 -7.78
N ARG A 78 -0.40 -21.40 -7.65
CA ARG A 78 -1.11 -20.76 -8.73
C ARG A 78 -0.83 -19.25 -8.82
N THR A 79 0.09 -18.75 -7.99
CA THR A 79 0.44 -17.33 -8.00
C THR A 79 1.57 -17.03 -8.98
N LYS A 80 1.65 -15.78 -9.41
CA LYS A 80 2.69 -15.32 -10.31
C LYS A 80 3.44 -14.24 -9.56
N ALA A 81 4.73 -14.46 -9.31
CA ALA A 81 5.54 -13.50 -8.57
C ALA A 81 6.99 -13.66 -8.94
N ASP A 82 7.82 -12.73 -8.49
CA ASP A 82 9.23 -12.87 -8.81
C ASP A 82 9.81 -13.95 -7.87
N LYS A 83 9.47 -13.93 -6.59
CA LYS A 83 9.95 -14.95 -5.67
C LYS A 83 8.78 -15.46 -4.84
N LYS A 84 8.72 -16.77 -4.61
CA LYS A 84 7.67 -17.36 -3.80
C LYS A 84 8.28 -17.99 -2.56
N ILE A 85 7.64 -17.79 -1.42
CA ILE A 85 8.16 -18.36 -0.20
C ILE A 85 7.03 -19.10 0.55
N LEU A 86 7.19 -20.39 0.81
CA LEU A 86 6.15 -21.12 1.53
C LEU A 86 6.59 -21.03 2.98
N ILE A 87 5.93 -20.18 3.75
CA ILE A 87 6.30 -20.01 5.15
C ILE A 87 5.46 -20.95 5.99
N GLY A 88 5.96 -21.26 7.18
CA GLY A 88 5.25 -22.16 8.07
C GLY A 88 5.30 -23.62 7.62
N LYS A 89 6.38 -24.00 6.94
CA LYS A 89 6.52 -25.35 6.45
C LYS A 89 6.51 -26.45 7.52
N LYS A 90 6.92 -26.15 8.75
CA LYS A 90 6.90 -27.18 9.73
C LYS A 90 5.65 -27.05 10.55
N LEU A 91 5.30 -25.81 10.83
CA LEU A 91 4.11 -25.42 11.61
C LEU A 91 2.84 -25.89 10.92
N THR A 92 2.64 -25.33 9.74
CA THR A 92 1.56 -25.64 8.80
C THR A 92 2.30 -26.71 8.03
N ARG A 93 1.72 -27.27 6.98
CA ARG A 93 2.53 -28.23 6.23
C ARG A 93 2.35 -27.95 4.77
N GLY A 94 2.08 -26.68 4.46
CA GLY A 94 1.87 -26.28 3.08
C GLY A 94 0.38 -26.35 2.83
N LEU A 95 -0.34 -26.47 3.94
CA LEU A 95 -1.76 -26.62 3.90
C LEU A 95 -2.62 -25.50 4.48
N GLY A 96 -2.12 -24.26 4.52
CA GLY A 96 -2.92 -23.15 5.04
C GLY A 96 -2.78 -22.86 6.54
N ALA A 97 -3.34 -21.75 6.98
CA ALA A 97 -3.29 -21.37 8.39
C ALA A 97 -4.71 -21.33 8.96
N GLY A 98 -5.66 -21.90 8.23
CA GLY A 98 -7.03 -21.94 8.66
C GLY A 98 -7.66 -20.70 9.24
N GLY A 99 -7.31 -19.51 8.74
CA GLY A 99 -7.90 -18.29 9.27
C GLY A 99 -7.33 -17.78 10.58
N ASN A 100 -6.33 -18.48 11.11
CA ASN A 100 -5.70 -18.13 12.38
C ASN A 100 -4.47 -17.23 12.30
N PRO A 101 -4.60 -16.01 12.82
CA PRO A 101 -3.49 -15.06 12.81
C PRO A 101 -2.29 -15.59 13.58
N LYS A 102 -2.54 -16.35 14.66
CA LYS A 102 -1.48 -16.92 15.50
C LYS A 102 -0.60 -17.82 14.70
N ILE A 103 -1.18 -18.55 13.75
CA ILE A 103 -0.40 -19.42 12.91
C ILE A 103 0.28 -18.62 11.81
N GLY A 104 -0.41 -17.65 11.25
CA GLY A 104 0.22 -16.83 10.22
C GLY A 104 1.53 -16.31 10.79
N GLU A 105 1.46 -15.79 12.00
CA GLU A 105 2.61 -15.28 12.73
C GLU A 105 3.76 -16.29 12.94
N GLU A 106 3.48 -17.45 13.54
CA GLU A 106 4.54 -18.44 13.76
C GLU A 106 5.13 -18.95 12.44
N ALA A 107 4.28 -19.14 11.45
CA ALA A 107 4.77 -19.59 10.17
C ALA A 107 5.81 -18.57 9.72
N ALA A 108 5.53 -17.27 9.86
CA ALA A 108 6.45 -16.22 9.45
C ALA A 108 7.68 -16.11 10.33
N LYS A 109 7.47 -16.30 11.62
CA LYS A 109 8.57 -16.22 12.55
C LYS A 109 9.48 -17.41 12.27
N GLU A 110 8.88 -18.54 11.97
CA GLU A 110 9.63 -19.75 11.68
C GLU A 110 10.48 -19.61 10.41
N SER A 111 10.02 -18.78 9.46
CA SER A 111 10.75 -18.56 8.21
C SER A 111 11.38 -17.17 8.08
N ALA A 112 11.58 -16.50 9.21
CA ALA A 112 12.16 -15.17 9.17
C ALA A 112 13.39 -15.09 8.26
N GLU A 113 14.39 -15.91 8.49
CA GLU A 113 15.59 -15.92 7.65
C GLU A 113 15.28 -15.84 6.16
N GLU A 114 14.47 -16.79 5.70
CA GLU A 114 14.08 -16.86 4.30
C GLU A 114 13.36 -15.60 3.81
N ILE A 115 12.46 -15.05 4.63
CA ILE A 115 11.74 -13.83 4.28
C ILE A 115 12.74 -12.70 4.14
N LYS A 116 13.58 -12.56 5.15
CA LYS A 116 14.59 -11.50 5.17
C LYS A 116 15.55 -11.57 3.98
N ALA A 117 15.88 -12.78 3.58
CA ALA A 117 16.79 -12.97 2.47
C ALA A 117 16.20 -12.50 1.14
N ALA A 118 14.88 -12.34 1.10
CA ALA A 118 14.19 -11.92 -0.13
C ALA A 118 14.04 -10.41 -0.22
N ILE A 119 13.98 -9.74 0.92
CA ILE A 119 13.83 -8.30 0.94
C ILE A 119 15.13 -7.62 1.36
N GLN A 120 16.12 -8.45 1.61
CA GLN A 120 17.45 -8.00 2.03
C GLN A 120 18.08 -6.80 1.34
N ASP A 121 17.97 -6.69 0.02
CA ASP A 121 18.66 -5.59 -0.63
C ASP A 121 17.81 -4.38 -0.96
N SER A 122 16.52 -4.49 -0.65
CA SER A 122 15.56 -3.43 -0.89
C SER A 122 15.87 -2.18 -0.11
N ASP A 123 15.58 -1.03 -0.73
CA ASP A 123 15.76 0.28 -0.12
C ASP A 123 14.42 0.61 0.47
N MET A 124 13.38 0.06 -0.15
CA MET A 124 11.99 0.22 0.26
C MET A 124 11.21 -1.10 0.14
N VAL A 125 10.35 -1.40 1.13
CA VAL A 125 9.55 -2.64 1.09
C VAL A 125 8.09 -2.31 1.37
N PHE A 126 7.20 -2.85 0.54
CA PHE A 126 5.75 -2.66 0.68
C PHE A 126 5.18 -4.02 1.14
N ILE A 127 4.45 -4.08 2.25
CA ILE A 127 3.86 -5.33 2.72
C ILE A 127 2.39 -5.16 2.44
N THR A 128 1.82 -5.97 1.57
CA THR A 128 0.40 -5.85 1.23
C THR A 128 -0.37 -7.12 1.51
N CYS A 129 -1.62 -6.97 1.96
CA CYS A 129 -2.47 -8.10 2.27
C CYS A 129 -3.91 -7.75 2.68
N GLY A 130 -4.78 -8.74 2.76
CA GLY A 130 -6.14 -8.47 3.21
C GLY A 130 -6.20 -8.87 4.67
N LEU A 131 -6.33 -7.90 5.59
CA LEU A 131 -6.36 -8.21 7.03
C LEU A 131 -7.67 -8.92 7.40
N GLY A 132 -7.60 -9.95 8.23
CA GLY A 132 -8.79 -10.68 8.64
C GLY A 132 -8.57 -12.18 8.59
N GLY A 133 -7.65 -12.61 7.73
CA GLY A 133 -7.33 -14.01 7.62
C GLY A 133 -6.26 -14.44 8.62
N GLY A 134 -5.51 -15.50 8.33
CA GLY A 134 -4.49 -15.95 9.26
C GLY A 134 -3.07 -15.73 8.77
N THR A 135 -2.78 -16.07 7.52
CA THR A 135 -1.45 -15.85 6.95
C THR A 135 -1.11 -14.36 6.86
N GLY A 136 -1.95 -13.58 6.19
CA GLY A 136 -1.72 -12.14 6.07
C GLY A 136 -1.72 -11.43 7.42
N THR A 137 -2.82 -11.50 8.13
CA THR A 137 -2.89 -10.86 9.41
C THR A 137 -1.75 -11.26 10.34
N GLY A 138 -1.31 -12.50 10.29
CA GLY A 138 -0.25 -12.90 11.19
C GLY A 138 1.16 -12.64 10.69
N SER A 139 1.37 -12.85 9.41
CA SER A 139 2.66 -12.67 8.81
C SER A 139 3.05 -11.24 8.40
N ALA A 140 2.09 -10.39 8.04
CA ALA A 140 2.46 -9.03 7.63
C ALA A 140 3.30 -8.30 8.70
N PRO A 141 2.87 -8.25 9.98
CA PRO A 141 3.67 -7.57 11.02
C PRO A 141 5.07 -8.19 11.17
N VAL A 142 5.18 -9.49 10.91
CA VAL A 142 6.46 -10.17 10.99
C VAL A 142 7.32 -9.71 9.80
N VAL A 143 6.80 -9.77 8.58
CA VAL A 143 7.59 -9.30 7.44
C VAL A 143 7.99 -7.83 7.60
N ALA A 144 7.16 -7.06 8.28
CA ALA A 144 7.39 -5.63 8.51
C ALA A 144 8.51 -5.36 9.51
N GLU A 145 8.51 -6.07 10.63
CA GLU A 145 9.54 -5.90 11.62
C GLU A 145 10.92 -6.37 11.10
N ILE A 146 10.89 -7.37 10.21
CA ILE A 146 12.09 -7.92 9.63
C ILE A 146 12.67 -6.91 8.67
N SER A 147 11.79 -6.25 7.92
CA SER A 147 12.16 -5.22 6.95
C SER A 147 12.81 -4.03 7.68
N LYS A 148 12.14 -3.54 8.71
CA LYS A 148 12.66 -2.43 9.49
C LYS A 148 14.05 -2.76 10.03
N LYS A 149 14.26 -3.99 10.44
CA LYS A 149 15.56 -4.40 10.95
C LYS A 149 16.68 -4.23 9.92
N ILE A 150 16.41 -4.59 8.68
CA ILE A 150 17.42 -4.48 7.65
C ILE A 150 17.54 -3.03 7.23
N GLY A 151 16.81 -2.18 7.92
CA GLY A 151 16.86 -0.77 7.62
C GLY A 151 16.34 -0.41 6.25
N ALA A 152 15.07 -0.70 6.02
CA ALA A 152 14.44 -0.39 4.74
C ALA A 152 13.21 0.47 5.03
N LEU A 153 12.66 1.08 4.01
CA LEU A 153 11.48 1.90 4.24
C LEU A 153 10.30 0.95 4.25
N THR A 154 9.78 0.73 5.43
CA THR A 154 8.67 -0.19 5.59
C THR A 154 7.32 0.44 5.48
N VAL A 155 6.64 0.11 4.39
CA VAL A 155 5.30 0.60 4.12
C VAL A 155 4.28 -0.52 3.88
N ALA A 156 3.13 -0.42 4.56
CA ALA A 156 2.05 -1.40 4.40
C ALA A 156 0.82 -0.79 3.73
N VAL A 157 0.33 -1.43 2.66
CA VAL A 157 -0.92 -1.00 2.00
C VAL A 157 -1.75 -2.27 2.22
N VAL A 158 -2.67 -2.15 3.18
CA VAL A 158 -3.47 -3.24 3.68
C VAL A 158 -4.97 -2.89 3.82
N THR A 159 -5.89 -3.85 3.60
CA THR A 159 -7.33 -3.56 3.72
C THR A 159 -7.95 -4.12 4.98
N LEU A 160 -9.15 -3.66 5.30
CA LEU A 160 -9.89 -4.16 6.45
C LEU A 160 -11.07 -4.95 5.86
N PRO A 161 -11.49 -6.08 6.48
CA PRO A 161 -12.61 -6.83 5.89
C PRO A 161 -13.95 -6.09 5.78
N PHE A 162 -14.81 -6.59 4.88
CA PHE A 162 -16.14 -6.04 4.68
C PHE A 162 -16.93 -6.39 5.95
N VAL A 163 -17.91 -5.59 6.38
CA VAL A 163 -18.60 -6.02 7.58
C VAL A 163 -19.37 -7.31 7.39
N MET A 164 -19.80 -7.62 6.17
CA MET A 164 -20.53 -8.87 5.96
C MET A 164 -19.71 -10.06 6.51
N GLU A 165 -18.39 -10.03 6.33
CA GLU A 165 -17.51 -11.11 6.79
C GLU A 165 -17.63 -11.43 8.28
N GLY A 166 -18.29 -10.56 9.03
CA GLY A 166 -18.44 -10.85 10.44
C GLY A 166 -17.47 -10.23 11.44
N LYS A 167 -17.84 -10.40 12.72
CA LYS A 167 -17.09 -9.86 13.83
C LYS A 167 -15.75 -10.47 14.12
N VAL A 168 -15.61 -11.78 13.93
CA VAL A 168 -14.33 -12.41 14.21
C VAL A 168 -13.32 -11.96 13.15
N ARG A 169 -13.71 -11.94 11.88
CA ARG A 169 -12.79 -11.54 10.84
C ARG A 169 -12.25 -10.14 11.12
N MET A 170 -13.08 -9.23 11.58
CA MET A 170 -12.62 -7.85 11.87
C MET A 170 -11.85 -7.69 13.17
N LYS A 171 -12.26 -8.38 14.23
CA LYS A 171 -11.51 -8.24 15.46
C LYS A 171 -10.11 -8.70 15.15
N ASN A 172 -9.97 -9.73 14.32
CA ASN A 172 -8.64 -10.23 13.94
C ASN A 172 -7.87 -9.23 13.05
N ALA A 173 -8.61 -8.56 12.18
CA ALA A 173 -8.02 -7.59 11.29
C ALA A 173 -7.55 -6.42 12.14
N MET A 174 -8.39 -5.97 13.07
CA MET A 174 -8.01 -4.86 13.92
C MET A 174 -6.71 -5.19 14.63
N GLU A 175 -6.69 -6.29 15.37
CA GLU A 175 -5.47 -6.66 16.08
C GLU A 175 -4.23 -6.77 15.22
N GLY A 176 -4.43 -7.18 13.98
CA GLY A 176 -3.31 -7.27 13.08
C GLY A 176 -2.85 -5.87 12.76
N LEU A 177 -3.78 -4.96 12.50
CA LEU A 177 -3.44 -3.57 12.19
C LEU A 177 -2.61 -2.96 13.32
N GLU A 178 -3.02 -3.22 14.56
CA GLU A 178 -2.30 -2.73 15.73
C GLU A 178 -0.88 -3.28 15.72
N ARG A 179 -0.73 -4.59 15.58
CA ARG A 179 0.58 -5.21 15.55
C ARG A 179 1.42 -4.67 14.41
N LEU A 180 0.79 -4.47 13.27
CA LEU A 180 1.44 -3.95 12.07
C LEU A 180 1.89 -2.52 12.27
N LYS A 181 1.23 -1.83 13.19
CA LYS A 181 1.55 -0.43 13.50
C LYS A 181 2.96 -0.32 14.06
N GLN A 182 3.33 -1.22 14.96
CA GLN A 182 4.64 -1.17 15.59
C GLN A 182 5.87 -1.41 14.74
N HIS A 183 5.73 -2.07 13.61
CA HIS A 183 6.91 -2.36 12.82
C HIS A 183 6.76 -1.85 11.44
N THR A 184 6.14 -0.69 11.35
CA THR A 184 5.81 -0.11 10.06
C THR A 184 6.17 1.37 10.05
N ASP A 185 6.79 1.86 8.96
CA ASP A 185 7.16 3.27 8.86
C ASP A 185 5.90 4.07 8.58
N THR A 186 5.15 3.65 7.59
CA THR A 186 3.87 4.25 7.28
C THR A 186 2.93 3.07 6.98
N LEU A 187 1.71 3.13 7.48
CA LEU A 187 0.74 2.05 7.27
C LEU A 187 -0.55 2.58 6.69
N VAL A 188 -0.76 2.29 5.42
CA VAL A 188 -1.93 2.70 4.65
C VAL A 188 -3.16 1.77 4.81
N VAL A 189 -4.22 2.17 5.53
CA VAL A 189 -5.45 1.33 5.70
C VAL A 189 -6.57 1.63 4.73
N ILE A 190 -7.09 0.58 4.07
CA ILE A 190 -8.22 0.69 3.14
C ILE A 190 -9.40 -0.15 3.65
N PRO A 191 -10.40 0.49 4.27
CA PRO A 191 -11.58 -0.21 4.80
C PRO A 191 -12.51 -0.60 3.69
N ASN A 192 -12.53 -1.88 3.34
CA ASN A 192 -13.37 -2.34 2.25
C ASN A 192 -14.83 -1.92 2.41
N GLU A 193 -15.28 -1.77 3.65
CA GLU A 193 -16.65 -1.34 3.89
C GLU A 193 -17.06 -0.06 3.16
N LYS A 194 -16.15 0.91 3.01
CA LYS A 194 -16.47 2.17 2.32
C LYS A 194 -16.53 1.99 0.81
N LEU A 195 -16.18 0.81 0.34
CA LEU A 195 -16.22 0.55 -1.08
C LEU A 195 -17.69 0.59 -1.47
N PHE A 196 -18.56 0.35 -0.49
CA PHE A 196 -20.00 0.36 -0.70
C PHE A 196 -20.54 1.77 -0.74
N GLU A 197 -19.78 2.72 -0.20
CA GLU A 197 -20.18 4.12 -0.23
C GLU A 197 -19.82 4.66 -1.62
N ILE A 198 -19.14 3.85 -2.42
CA ILE A 198 -18.70 4.24 -3.77
C ILE A 198 -19.53 3.67 -4.94
N VAL A 199 -20.11 2.50 -4.72
CA VAL A 199 -20.97 1.84 -5.69
C VAL A 199 -21.91 1.06 -4.75
N PRO A 200 -22.81 1.80 -4.05
CA PRO A 200 -23.82 1.35 -3.06
C PRO A 200 -24.48 0.00 -3.18
N ASN A 201 -24.98 -0.35 -4.36
CA ASN A 201 -25.62 -1.64 -4.47
C ASN A 201 -24.76 -2.60 -5.24
N MET A 202 -23.68 -2.98 -4.59
CA MET A 202 -22.70 -3.88 -5.15
C MET A 202 -22.99 -5.28 -4.64
N PRO A 203 -23.00 -6.26 -5.54
CA PRO A 203 -23.24 -7.65 -5.12
C PRO A 203 -21.89 -8.17 -4.61
N LEU A 204 -21.84 -8.87 -3.47
CA LEU A 204 -20.55 -9.35 -2.96
C LEU A 204 -19.54 -9.80 -4.03
N LYS A 205 -20.03 -10.25 -5.19
CA LYS A 205 -19.16 -10.66 -6.29
C LYS A 205 -18.15 -9.54 -6.52
N LEU A 206 -18.63 -8.45 -7.11
CA LEU A 206 -17.81 -7.28 -7.39
C LEU A 206 -17.10 -6.80 -6.16
N ALA A 207 -17.75 -6.94 -5.01
CA ALA A 207 -17.17 -6.51 -3.76
C ALA A 207 -15.69 -6.71 -3.80
N PHE A 208 -15.28 -7.98 -3.88
CA PHE A 208 -13.86 -8.30 -3.91
C PHE A 208 -13.16 -7.96 -5.22
N LYS A 209 -13.92 -7.62 -6.25
CA LYS A 209 -13.31 -7.25 -7.52
C LYS A 209 -13.00 -5.74 -7.52
N VAL A 210 -13.81 -5.00 -6.77
CA VAL A 210 -13.64 -3.58 -6.63
C VAL A 210 -12.44 -3.44 -5.69
N ALA A 211 -12.52 -4.14 -4.56
CA ALA A 211 -11.44 -4.09 -3.58
C ALA A 211 -10.13 -4.45 -4.25
N ASP A 212 -10.18 -5.41 -5.17
CA ASP A 212 -8.98 -5.81 -5.89
C ASP A 212 -8.45 -4.60 -6.66
N GLU A 213 -9.35 -3.85 -7.28
CA GLU A 213 -8.93 -2.69 -8.04
C GLU A 213 -8.30 -1.64 -7.15
N VAL A 214 -9.07 -1.15 -6.19
CA VAL A 214 -8.56 -0.14 -5.29
C VAL A 214 -7.17 -0.54 -4.83
N LEU A 215 -7.00 -1.76 -4.35
CA LEU A 215 -5.70 -2.23 -3.89
C LEU A 215 -4.59 -2.05 -4.91
N ILE A 216 -4.74 -2.64 -6.09
CA ILE A 216 -3.71 -2.55 -7.12
C ILE A 216 -3.38 -1.12 -7.47
N ASN A 217 -4.32 -0.23 -7.22
CA ASN A 217 -4.09 1.18 -7.50
C ASN A 217 -3.27 1.79 -6.39
N ALA A 218 -3.80 1.72 -5.19
CA ALA A 218 -3.06 2.26 -4.09
C ALA A 218 -1.60 1.79 -4.17
N VAL A 219 -1.39 0.48 -4.37
CA VAL A 219 -0.03 -0.04 -4.41
C VAL A 219 0.80 0.40 -5.63
N LYS A 220 0.23 0.28 -6.83
CA LYS A 220 0.97 0.71 -8.04
C LYS A 220 1.10 2.25 -8.08
N GLY A 221 0.03 2.95 -7.69
CA GLY A 221 0.07 4.40 -7.70
C GLY A 221 1.22 4.92 -6.89
N LEU A 222 1.43 4.32 -5.71
CA LEU A 222 2.51 4.70 -4.79
C LEU A 222 3.89 4.29 -5.32
N VAL A 223 4.02 3.07 -5.83
CA VAL A 223 5.32 2.64 -6.31
C VAL A 223 5.80 3.45 -7.48
N GLU A 224 4.93 3.69 -8.45
CA GLU A 224 5.32 4.47 -9.63
C GLU A 224 5.58 5.92 -9.29
N LEU A 225 4.78 6.47 -8.39
CA LEU A 225 4.99 7.84 -7.99
C LEU A 225 6.46 7.98 -7.60
N ILE A 226 7.04 6.90 -7.05
CA ILE A 226 8.44 6.88 -6.60
C ILE A 226 9.35 6.28 -7.63
N THR A 227 8.80 5.52 -8.53
CA THR A 227 9.64 4.79 -9.45
C THR A 227 9.51 5.07 -10.94
N LYS A 228 8.41 5.72 -11.34
CA LYS A 228 8.14 6.02 -12.74
C LYS A 228 8.42 7.47 -13.10
N ASP A 229 9.20 7.68 -14.17
CA ASP A 229 9.60 9.03 -14.64
C ASP A 229 8.42 9.92 -14.99
N GLY A 230 8.29 11.03 -14.27
CA GLY A 230 7.17 11.91 -14.55
C GLY A 230 7.57 13.28 -15.07
N LEU A 231 6.68 14.24 -14.89
CA LEU A 231 6.93 15.60 -15.31
C LEU A 231 7.66 16.31 -14.18
N ILE A 232 8.15 15.52 -13.22
CA ILE A 232 8.93 16.03 -12.08
C ILE A 232 9.81 14.92 -11.50
N ASN A 233 10.99 15.31 -11.02
CA ASN A 233 11.91 14.37 -10.41
C ASN A 233 11.36 14.26 -8.99
N VAL A 234 10.99 13.05 -8.54
CA VAL A 234 10.51 12.91 -7.16
C VAL A 234 11.67 12.24 -6.44
N ASP A 235 12.21 12.96 -5.47
CA ASP A 235 13.36 12.50 -4.71
C ASP A 235 13.08 11.45 -3.63
N PHE A 236 13.63 10.24 -3.83
CA PHE A 236 13.43 9.15 -2.89
C PHE A 236 13.82 9.58 -1.49
N ALA A 237 14.78 10.49 -1.42
CA ALA A 237 15.23 10.97 -0.13
C ALA A 237 14.11 11.76 0.55
N ASP A 238 13.20 12.32 -0.25
CA ASP A 238 12.08 13.09 0.30
C ASP A 238 10.99 12.13 0.76
N VAL A 239 10.73 11.16 -0.12
CA VAL A 239 9.76 10.12 0.16
C VAL A 239 10.10 9.53 1.52
N LYS A 240 11.31 8.99 1.64
CA LYS A 240 11.79 8.37 2.87
C LYS A 240 11.57 9.28 4.06
N ALA A 241 11.72 10.58 3.83
CA ALA A 241 11.58 11.61 4.87
C ALA A 241 10.16 11.66 5.43
N VAL A 242 9.24 11.81 4.49
CA VAL A 242 7.82 11.88 4.79
C VAL A 242 7.27 10.56 5.29
N MET A 243 7.34 9.56 4.41
CA MET A 243 6.84 8.21 4.66
C MET A 243 7.44 7.63 5.93
N ASN A 244 8.64 8.08 6.25
CA ASN A 244 9.31 7.62 7.45
C ASN A 244 8.47 7.91 8.66
N ASN A 245 7.48 8.78 8.50
CA ASN A 245 6.62 9.15 9.60
C ASN A 245 5.13 9.12 9.27
N GLY A 246 4.75 8.58 8.11
CA GLY A 246 3.33 8.51 7.84
C GLY A 246 3.01 7.68 9.05
N GLY A 247 1.95 7.95 9.79
CA GLY A 247 1.74 7.09 10.94
C GLY A 247 0.79 6.05 10.41
N LEU A 248 -0.46 6.48 10.40
CA LEU A 248 -1.60 5.75 9.90
C LEU A 248 -1.97 6.63 8.71
N ALA A 249 -2.03 6.06 7.51
CA ALA A 249 -2.43 6.86 6.36
C ALA A 249 -3.70 6.27 5.81
N MET A 250 -4.37 7.07 4.99
CA MET A 250 -5.59 6.66 4.35
C MET A 250 -5.61 7.20 2.93
N ILE A 251 -6.19 6.42 2.04
CA ILE A 251 -6.26 6.70 0.62
C ILE A 251 -7.46 7.57 0.20
N GLY A 252 -7.33 8.11 -1.01
CA GLY A 252 -8.36 8.91 -1.62
C GLY A 252 -8.11 8.65 -3.10
N ILE A 253 -9.13 8.26 -3.85
CA ILE A 253 -8.93 8.09 -5.27
C ILE A 253 -10.03 8.89 -5.94
N GLY A 254 -9.67 9.56 -7.01
CA GLY A 254 -10.61 10.37 -7.74
C GLY A 254 -10.08 10.58 -9.15
N GLU A 255 -10.98 10.89 -10.07
CA GLU A 255 -10.57 11.13 -11.43
C GLU A 255 -11.72 11.69 -12.22
N SER A 256 -11.39 12.59 -13.13
CA SER A 256 -12.35 13.28 -13.98
C SER A 256 -12.16 13.08 -15.48
N ASP A 257 -13.27 12.72 -16.11
CA ASP A 257 -13.31 12.51 -17.55
C ASP A 257 -13.29 13.88 -18.22
N SER A 258 -14.09 14.80 -17.67
CA SER A 258 -14.26 16.17 -18.13
C SER A 258 -13.00 16.99 -18.49
N GLU A 259 -13.22 18.26 -18.80
CA GLU A 259 -12.13 19.16 -19.16
C GLU A 259 -11.76 20.18 -18.08
N LYS A 260 -12.06 19.87 -16.84
CA LYS A 260 -11.68 20.73 -15.71
C LYS A 260 -11.02 19.71 -14.75
N ARG A 261 -10.57 18.61 -15.35
CA ARG A 261 -9.90 17.47 -14.71
C ARG A 261 -9.32 17.73 -13.35
N ALA A 262 -8.06 18.20 -13.31
CA ALA A 262 -7.42 18.50 -12.04
C ALA A 262 -8.43 18.89 -10.96
N LYS A 263 -9.22 19.94 -11.23
CA LYS A 263 -10.20 20.41 -10.26
C LYS A 263 -11.23 19.38 -9.80
N GLU A 264 -11.69 18.55 -10.73
CA GLU A 264 -12.68 17.51 -10.44
C GLU A 264 -12.08 16.23 -9.85
N ALA A 265 -10.90 15.85 -10.36
CA ALA A 265 -10.19 14.65 -9.93
C ALA A 265 -9.67 14.78 -8.50
N VAL A 266 -9.33 15.99 -8.08
CA VAL A 266 -8.83 16.21 -6.73
C VAL A 266 -9.88 16.43 -5.66
N SER A 267 -11.10 16.77 -6.10
CA SER A 267 -12.21 16.99 -5.18
C SER A 267 -12.82 15.62 -4.93
N MET A 268 -12.90 14.85 -6.02
CA MET A 268 -13.41 13.47 -6.00
C MET A 268 -12.55 12.76 -4.97
N ALA A 269 -11.24 12.86 -5.19
CA ALA A 269 -10.24 12.28 -4.32
C ALA A 269 -10.40 12.80 -2.93
N LEU A 270 -10.30 14.11 -2.75
CA LEU A 270 -10.44 14.68 -1.43
C LEU A 270 -11.74 14.25 -0.77
N ASN A 271 -12.72 13.82 -1.56
CA ASN A 271 -13.98 13.41 -0.98
C ASN A 271 -14.23 11.91 -0.89
N SER A 272 -13.43 11.10 -1.58
CA SER A 272 -13.59 9.64 -1.54
C SER A 272 -13.93 9.22 -0.14
N PRO A 273 -14.88 8.29 -0.01
CA PRO A 273 -15.35 7.77 1.28
C PRO A 273 -14.26 6.89 1.95
N LEU A 274 -13.18 6.67 1.19
CA LEU A 274 -12.00 5.91 1.60
C LEU A 274 -11.09 6.76 2.52
N LEU A 275 -11.16 8.09 2.37
CA LEU A 275 -10.38 9.01 3.20
C LEU A 275 -11.21 9.30 4.43
N ASP A 276 -11.82 8.24 4.94
CA ASP A 276 -12.67 8.29 6.10
C ASP A 276 -11.95 8.80 7.36
N VAL A 277 -11.52 10.05 7.32
CA VAL A 277 -10.81 10.66 8.45
C VAL A 277 -10.78 12.16 8.32
N ASP A 278 -10.56 12.83 9.46
CA ASP A 278 -10.47 14.28 9.50
C ASP A 278 -9.03 14.69 9.15
N ILE A 279 -8.81 15.09 7.90
CA ILE A 279 -7.48 15.45 7.45
C ILE A 279 -6.96 16.86 7.79
N ASP A 280 -7.82 17.72 8.32
CA ASP A 280 -7.41 19.09 8.67
C ASP A 280 -6.07 19.10 9.44
N GLY A 281 -5.95 18.22 10.41
CA GLY A 281 -4.75 18.13 11.21
C GLY A 281 -3.94 16.94 10.71
N ALA A 282 -3.29 17.13 9.56
CA ALA A 282 -2.46 16.10 8.96
C ALA A 282 -1.19 16.72 8.44
N THR A 283 -0.09 16.00 8.61
CA THR A 283 1.21 16.43 8.11
C THR A 283 1.45 15.50 6.96
N GLY A 284 2.52 15.73 6.19
CA GLY A 284 2.79 14.84 5.08
C GLY A 284 1.63 14.32 4.21
N ALA A 285 1.94 14.12 2.94
CA ALA A 285 0.97 13.60 2.00
C ALA A 285 1.77 13.20 0.79
N LEU A 286 1.25 12.24 0.02
CA LEU A 286 1.91 11.81 -1.19
C LEU A 286 0.82 11.95 -2.21
N ILE A 287 1.12 12.65 -3.30
CA ILE A 287 0.12 12.89 -4.33
C ILE A 287 0.64 12.44 -5.66
N HIS A 288 -0.15 11.61 -6.32
CA HIS A 288 0.26 11.13 -7.62
C HIS A 288 -0.86 11.42 -8.58
N VAL A 289 -0.60 12.32 -9.52
CA VAL A 289 -1.60 12.62 -10.52
C VAL A 289 -1.06 11.94 -11.76
N MET A 290 -1.93 11.17 -12.37
CA MET A 290 -1.56 10.46 -13.55
C MET A 290 -2.58 10.96 -14.54
N GLY A 291 -2.16 11.10 -15.79
CA GLY A 291 -3.08 11.57 -16.79
C GLY A 291 -2.58 11.20 -18.16
N PRO A 292 -3.26 11.64 -19.22
CA PRO A 292 -2.84 11.33 -20.58
C PRO A 292 -1.64 12.19 -20.95
N GLU A 293 -1.09 11.99 -22.14
CA GLU A 293 0.07 12.78 -22.53
C GLU A 293 -0.15 14.27 -22.40
N ASP A 294 -1.40 14.71 -22.49
CA ASP A 294 -1.70 16.14 -22.36
C ASP A 294 -1.82 16.54 -20.90
N LEU A 295 -1.03 15.90 -20.05
CA LEU A 295 -1.08 16.23 -18.64
C LEU A 295 -0.15 17.42 -18.46
N THR A 296 -0.59 18.37 -17.65
CA THR A 296 0.18 19.58 -17.40
C THR A 296 0.75 19.64 -16.00
N LEU A 297 1.94 20.23 -15.89
CA LEU A 297 2.61 20.37 -14.61
C LEU A 297 1.77 21.29 -13.75
N GLU A 298 0.87 22.00 -14.41
CA GLU A 298 0.00 22.96 -13.74
C GLU A 298 -1.23 22.31 -13.15
N GLU A 299 -1.78 21.33 -13.85
CA GLU A 299 -2.95 20.63 -13.33
C GLU A 299 -2.45 19.92 -12.08
N ALA A 300 -1.23 19.40 -12.17
CA ALA A 300 -0.58 18.71 -11.07
C ALA A 300 -0.51 19.65 -9.87
N ARG A 301 -0.05 20.88 -10.12
CA ARG A 301 0.06 21.87 -9.06
C ARG A 301 -1.32 22.25 -8.49
N GLU A 302 -2.33 22.35 -9.37
CA GLU A 302 -3.70 22.65 -8.94
C GLU A 302 -4.02 21.59 -7.87
N VAL A 303 -3.85 20.34 -8.31
CA VAL A 303 -4.05 19.13 -7.50
C VAL A 303 -3.35 19.29 -6.16
N VAL A 304 -2.04 19.56 -6.20
CA VAL A 304 -1.28 19.70 -4.99
C VAL A 304 -1.71 20.83 -4.05
N ALA A 305 -2.14 21.97 -4.58
CA ALA A 305 -2.50 23.07 -3.70
C ALA A 305 -3.88 22.97 -3.08
N THR A 306 -4.81 22.39 -3.84
CA THR A 306 -6.15 22.17 -3.34
C THR A 306 -5.97 21.27 -2.12
N VAL A 307 -4.96 20.41 -2.21
CA VAL A 307 -4.66 19.49 -1.14
C VAL A 307 -3.95 20.20 -0.01
N SER A 308 -2.83 20.86 -0.33
CA SER A 308 -2.04 21.57 0.68
C SER A 308 -2.89 22.49 1.53
N SER A 309 -3.89 23.06 0.88
CA SER A 309 -4.83 23.96 1.51
C SER A 309 -5.66 23.32 2.61
N ARG A 310 -5.69 21.99 2.71
CA ARG A 310 -6.51 21.34 3.73
C ARG A 310 -5.78 20.61 4.87
N LEU A 311 -4.46 20.50 4.79
CA LEU A 311 -3.69 19.83 5.85
C LEU A 311 -3.02 20.84 6.78
N ASP A 312 -2.31 20.35 7.79
CA ASP A 312 -1.58 21.24 8.69
C ASP A 312 -0.85 22.21 7.77
N PRO A 313 -0.70 23.46 8.18
CA PRO A 313 0.00 24.43 7.32
C PRO A 313 1.47 24.11 7.05
N ASN A 314 2.00 23.09 7.71
CA ASN A 314 3.40 22.75 7.51
C ASN A 314 3.63 21.31 7.05
N ALA A 315 2.56 20.68 6.60
CA ALA A 315 2.68 19.32 6.14
C ALA A 315 3.69 19.26 5.01
N THR A 316 4.45 18.17 5.01
CA THR A 316 5.44 17.88 3.99
C THR A 316 4.70 17.09 2.94
N ILE A 317 4.65 17.61 1.73
CA ILE A 317 3.92 16.98 0.67
C ILE A 317 4.79 16.48 -0.45
N ILE A 318 4.70 15.19 -0.75
CA ILE A 318 5.46 14.61 -1.83
C ILE A 318 4.48 14.44 -2.96
N TRP A 319 4.89 14.77 -4.16
CA TRP A 319 4.00 14.58 -5.28
C TRP A 319 4.77 14.30 -6.55
N GLY A 320 4.09 13.78 -7.54
CA GLY A 320 4.74 13.49 -8.80
C GLY A 320 3.64 13.58 -9.80
N ALA A 321 3.98 13.35 -11.07
CA ALA A 321 2.99 13.40 -12.12
C ALA A 321 3.47 12.50 -13.24
N THR A 322 2.68 11.50 -13.59
CA THR A 322 3.09 10.59 -14.64
C THR A 322 2.02 10.50 -15.69
N ILE A 323 2.45 10.13 -16.90
CA ILE A 323 1.53 10.02 -18.01
C ILE A 323 1.24 8.56 -18.25
N ASP A 324 -0.05 8.26 -18.36
CA ASP A 324 -0.47 6.89 -18.59
C ASP A 324 -1.04 6.70 -19.99
N GLU A 325 -0.47 5.75 -20.70
CA GLU A 325 -0.93 5.44 -22.04
C GLU A 325 -2.46 5.25 -21.99
N ASN A 326 -2.87 4.06 -21.53
CA ASN A 326 -4.27 3.72 -21.42
C ASN A 326 -4.96 4.45 -20.28
N LEU A 327 -5.26 5.72 -20.50
CA LEU A 327 -5.95 6.56 -19.52
C LEU A 327 -6.60 7.72 -20.29
N GLU A 328 -7.35 7.33 -21.32
CA GLU A 328 -8.01 8.21 -22.27
C GLU A 328 -7.92 9.73 -22.20
N ASN A 329 -8.93 10.36 -21.62
CA ASN A 329 -8.99 11.82 -21.53
C ASN A 329 -8.99 12.17 -20.07
N THR A 330 -8.77 11.15 -19.26
CA THR A 330 -8.79 11.28 -17.82
C THR A 330 -7.46 11.38 -17.09
N VAL A 331 -7.53 11.90 -15.88
CA VAL A 331 -6.37 11.99 -15.02
C VAL A 331 -6.81 11.48 -13.67
N ARG A 332 -6.18 10.43 -13.20
CA ARG A 332 -6.52 9.88 -11.90
C ARG A 332 -5.73 10.67 -10.88
N VAL A 333 -6.19 10.67 -9.64
CA VAL A 333 -5.49 11.36 -8.57
C VAL A 333 -5.48 10.49 -7.33
N LEU A 334 -4.33 9.88 -7.06
CA LEU A 334 -4.19 9.02 -5.89
C LEU A 334 -3.82 9.93 -4.76
N LEU A 335 -4.40 9.71 -3.61
CA LEU A 335 -4.06 10.55 -2.49
C LEU A 335 -3.78 9.74 -1.22
N VAL A 336 -2.58 9.90 -0.66
CA VAL A 336 -2.21 9.20 0.56
C VAL A 336 -1.95 10.24 1.69
N ILE A 337 -2.93 10.48 2.55
CA ILE A 337 -2.74 11.44 3.63
C ILE A 337 -2.22 10.70 4.86
N THR A 338 -1.05 11.09 5.34
CA THR A 338 -0.40 10.42 6.47
C THR A 338 -0.59 10.99 7.89
N GLY A 339 -0.12 10.22 8.86
CA GLY A 339 -0.20 10.63 10.25
C GLY A 339 -1.57 11.11 10.70
N VAL A 340 -2.58 10.25 10.52
CA VAL A 340 -3.94 10.58 10.92
C VAL A 340 -4.34 9.69 12.10
N GLN A 341 -3.40 8.94 12.62
CA GLN A 341 -3.70 8.03 13.71
C GLN A 341 -4.31 8.63 14.94
N SER A 342 -4.10 9.92 15.17
CA SER A 342 -4.69 10.56 16.34
C SER A 342 -6.15 10.91 16.02
N ARG A 343 -6.45 10.98 14.72
CA ARG A 343 -7.78 11.30 14.22
C ARG A 343 -8.72 10.09 14.27
N ILE A 344 -8.15 8.87 14.32
CA ILE A 344 -8.92 7.61 14.34
C ILE A 344 -8.99 6.86 15.66
N GLU A 345 -9.97 5.97 15.77
CA GLU A 345 -10.16 5.17 16.97
C GLU A 345 -10.04 3.71 16.59
N PHE A 346 -9.09 3.01 17.21
CA PHE A 346 -8.94 1.60 16.91
C PHE A 346 -9.82 0.75 17.83
N THR A 347 -11.05 0.44 17.40
CA THR A 347 -11.94 -0.41 18.21
C THR A 347 -11.85 -1.77 17.56
N ASP A 348 -12.00 -2.84 18.33
CA ASP A 348 -11.93 -4.13 17.67
C ASP A 348 -13.19 -4.47 16.88
N THR A 349 -13.76 -3.44 16.26
CA THR A 349 -14.93 -3.59 15.38
C THR A 349 -14.70 -2.68 14.15
N GLY A 350 -13.52 -2.09 14.08
CA GLY A 350 -13.21 -1.26 12.92
C GLY A 350 -12.62 0.07 13.23
N LEU A 351 -12.31 0.82 12.17
CA LEU A 351 -11.74 2.15 12.27
C LEU A 351 -12.86 3.16 12.50
N LYS A 352 -12.89 3.74 13.70
CA LYS A 352 -13.88 4.75 14.10
C LYS A 352 -13.27 6.13 14.13
N ARG A 353 -13.77 7.03 13.30
CA ARG A 353 -13.29 8.43 13.26
C ARG A 353 -13.31 9.07 14.66
N LYS A 354 -12.16 9.11 15.32
CA LYS A 354 -12.01 9.65 16.67
C LYS A 354 -12.90 10.77 17.17
N LYS A 355 -13.35 10.59 18.41
CA LYS A 355 -14.19 11.55 19.13
C LYS A 355 -13.35 12.00 20.32
N LEU A 356 -12.82 13.23 20.22
CA LEU A 356 -11.96 13.81 21.24
C LEU A 356 -12.70 14.32 22.48
PB GDP B . -5.38 -15.47 4.38
O1B GDP B . -4.40 -14.64 5.02
O2B GDP B . -5.02 -16.16 3.15
O3B GDP B . -5.97 -16.44 5.43
O3A GDP B . -6.57 -14.48 4.06
PA GDP B . -7.30 -14.18 2.66
O1A GDP B . -6.44 -13.36 1.81
O2A GDP B . -7.90 -15.44 2.15
O5' GDP B . -8.49 -13.26 3.24
C5' GDP B . -8.21 -12.25 4.19
C4' GDP B . -9.09 -11.03 3.97
O4' GDP B . -8.78 -10.44 2.71
C3' GDP B . -10.60 -11.29 3.95
O3' GDP B . -11.18 -11.04 5.23
C2' GDP B . -11.18 -10.46 2.81
O2' GDP B . -11.78 -9.26 3.20
C1' GDP B . -9.97 -10.22 1.95
N9 GDP B . -9.97 -11.00 0.71
C8 GDP B . -10.10 -12.34 0.45
N7 GDP B . -10.05 -12.68 -0.81
C5 GDP B . -9.87 -11.46 -1.46
C6 GDP B . -9.74 -11.15 -2.85
O6 GDP B . -9.76 -11.92 -3.79
N1 GDP B . -9.56 -9.76 -3.08
C2 GDP B . -9.51 -8.78 -2.07
N2 GDP B . -9.34 -7.52 -2.42
N3 GDP B . -9.65 -9.07 -0.78
C4 GDP B . -9.81 -10.42 -0.54
#